data_1II8
#
_entry.id   1II8
#
_cell.length_a   99.531
_cell.length_b   99.531
_cell.length_c   116.407
_cell.angle_alpha   90.00
_cell.angle_beta   90.00
_cell.angle_gamma   120.00
#
_symmetry.space_group_name_H-M   'P 31 2 1'
#
loop_
_entity.id
_entity.type
_entity.pdbx_description
1 polymer 'Rad50 ABC-ATPase'
2 polymer 'Rad50 ABC-ATPase'
3 non-polymer 'PHOSPHATE ION'
4 water water
#
loop_
_entity_poly.entity_id
_entity_poly.type
_entity_poly.pdbx_seq_one_letter_code
_entity_poly.pdbx_strand_id
1 'polypeptide(L)'
;MKLERVTVKNFRSHSDTVVEFKEGINLIIGQNGSGKSSLLDAILVGLYWPLRIKDIKKDEFTKVGARDTYIDLIFEKDGT
KYRITRRFLKGYSSGEIHAMKRLVGNEWKHVTEPSSKAISAFMEKLIPYNIFLNAIYIRQGQIDAILESDEAREKVVREV
LNLDKFETAYKKLSELKKTINNRIKEYRDILARTE
;
A
2 'polypeptide(L)'
;RERVKKEIKDLEKAKDFTEELIEKVKKYKALAREAALSKIGELASEIFAEFTEGKYSEVVVRAEENKVRLFVVWEGKERP
LTFLSGGERIALGLAFRLAMSLYLAGEISLLILDEPTPYLDEERRRKLITIMERYLKKIPQVILVSHDEELKDAADHVIR
ISLENGSSKVEVVS
;
B
#
# COMPACT_ATOMS: atom_id res chain seq x y z
N MET A 1 -6.62 -5.95 -12.66
CA MET A 1 -6.88 -4.58 -13.20
C MET A 1 -5.84 -4.25 -14.26
N LYS A 2 -5.99 -3.13 -14.93
CA LYS A 2 -5.00 -2.78 -15.95
C LYS A 2 -5.00 -1.31 -16.28
N LEU A 3 -3.86 -0.65 -16.09
CA LEU A 3 -3.73 0.77 -16.38
C LEU A 3 -3.40 0.97 -17.88
N GLU A 4 -4.14 1.86 -18.53
CA GLU A 4 -3.92 2.12 -19.94
C GLU A 4 -3.26 3.46 -20.21
N ARG A 5 -3.69 4.51 -19.52
CA ARG A 5 -3.07 5.80 -19.77
C ARG A 5 -3.25 6.87 -18.69
N VAL A 6 -2.12 7.31 -18.15
CA VAL A 6 -2.07 8.35 -17.13
C VAL A 6 -1.80 9.62 -17.92
N THR A 7 -2.15 10.76 -17.35
CA THR A 7 -1.94 12.04 -18.01
C THR A 7 -1.89 13.08 -16.94
N VAL A 8 -0.70 13.58 -16.66
CA VAL A 8 -0.59 14.58 -15.62
C VAL A 8 -0.14 15.90 -16.23
N LYS A 9 -0.67 16.99 -15.68
CA LYS A 9 -0.33 18.30 -16.16
C LYS A 9 -0.27 19.29 -15.02
N ASN A 10 0.94 19.75 -14.74
CA ASN A 10 1.20 20.73 -13.69
C ASN A 10 1.10 20.25 -12.25
N PHE A 11 1.75 19.13 -11.99
CA PHE A 11 1.83 18.53 -10.66
C PHE A 11 3.30 18.28 -10.49
N ARG A 12 3.99 19.13 -9.73
CA ARG A 12 5.41 18.94 -9.54
C ARG A 12 6.02 19.01 -10.94
N SER A 13 7.11 18.28 -11.12
CA SER A 13 7.79 18.20 -12.40
C SER A 13 6.79 18.22 -13.56
N HIS A 14 6.02 17.14 -13.70
CA HIS A 14 5.05 17.02 -14.78
C HIS A 14 4.26 18.28 -15.07
N SER A 15 4.37 18.75 -16.31
CA SER A 15 3.68 19.94 -16.82
C SER A 15 2.67 19.42 -17.86
N ASP A 16 3.10 18.47 -18.67
CA ASP A 16 2.22 17.84 -19.64
C ASP A 16 2.79 16.46 -19.98
N THR A 17 2.88 15.61 -18.96
CA THR A 17 3.40 14.23 -19.08
C THR A 17 2.31 13.28 -19.57
N VAL A 18 2.64 12.37 -20.49
CA VAL A 18 1.63 11.43 -20.97
C VAL A 18 2.22 10.05 -21.14
N VAL A 19 1.55 9.02 -20.66
CA VAL A 19 2.10 7.66 -20.78
C VAL A 19 1.10 6.61 -21.28
N GLU A 20 1.54 5.73 -22.16
CA GLU A 20 0.68 4.72 -22.70
C GLU A 20 1.13 3.38 -22.12
N PHE A 21 0.42 2.88 -21.10
CA PHE A 21 0.75 1.61 -20.46
C PHE A 21 0.36 0.39 -21.32
N LYS A 22 1.03 -0.73 -21.11
CA LYS A 22 0.72 -1.91 -21.89
C LYS A 22 0.82 -3.19 -21.10
N GLU A 23 0.47 -4.30 -21.74
CA GLU A 23 0.50 -5.59 -21.09
C GLU A 23 1.94 -6.02 -20.81
N GLY A 24 2.11 -7.06 -20.00
CA GLY A 24 3.45 -7.50 -19.71
C GLY A 24 4.07 -6.70 -18.58
N ILE A 25 5.37 -6.46 -18.64
CA ILE A 25 6.06 -5.70 -17.60
C ILE A 25 6.50 -4.38 -18.19
N ASN A 26 5.99 -3.27 -17.68
CA ASN A 26 6.37 -1.97 -18.20
C ASN A 26 7.44 -1.33 -17.32
N LEU A 27 8.66 -1.28 -17.80
CA LEU A 27 9.70 -0.67 -16.99
C LEU A 27 9.75 0.82 -17.30
N ILE A 28 9.76 1.63 -16.25
CA ILE A 28 9.81 3.09 -16.40
C ILE A 28 11.21 3.47 -15.94
N ILE A 29 12.06 3.81 -16.89
CA ILE A 29 13.45 4.16 -16.60
C ILE A 29 13.71 5.66 -16.61
N GLY A 30 14.33 6.14 -15.55
CA GLY A 30 14.66 7.55 -15.46
C GLY A 30 15.66 7.84 -14.36
N GLN A 31 16.49 8.86 -14.55
CA GLN A 31 17.46 9.22 -13.54
C GLN A 31 16.64 9.60 -12.31
N ASN A 32 17.27 9.75 -11.15
CA ASN A 32 16.48 10.10 -9.97
C ASN A 32 15.92 11.51 -10.08
N GLY A 33 14.87 11.79 -9.30
CA GLY A 33 14.25 13.10 -9.32
C GLY A 33 13.88 13.52 -10.73
N SER A 34 13.47 12.56 -11.55
CA SER A 34 13.11 12.88 -12.91
C SER A 34 11.61 12.78 -13.11
N GLY A 35 10.86 12.78 -12.01
CA GLY A 35 9.41 12.70 -12.08
C GLY A 35 8.74 11.34 -12.01
N LYS A 36 9.43 10.27 -12.42
CA LYS A 36 8.85 8.94 -12.37
C LYS A 36 8.05 8.73 -11.10
N SER A 37 8.70 8.70 -9.94
CA SER A 37 7.96 8.52 -8.69
C SER A 37 6.74 9.44 -8.63
N SER A 38 6.89 10.67 -9.12
CA SER A 38 5.79 11.60 -9.13
C SER A 38 4.67 10.97 -9.92
N LEU A 39 4.96 10.62 -11.16
CA LEU A 39 3.94 10.02 -12.03
C LEU A 39 3.15 8.95 -11.29
N LEU A 40 3.82 8.05 -10.59
CA LEU A 40 3.12 7.00 -9.85
C LEU A 40 2.12 7.63 -8.89
N ASP A 41 2.56 8.68 -8.21
CA ASP A 41 1.70 9.35 -7.24
C ASP A 41 0.52 10.06 -7.88
N ALA A 42 0.67 10.51 -9.12
CA ALA A 42 -0.44 11.18 -9.82
C ALA A 42 -1.50 10.12 -10.07
N ILE A 43 -1.05 9.02 -10.66
CA ILE A 43 -1.94 7.92 -10.91
C ILE A 43 -2.70 7.71 -9.61
N LEU A 44 -1.97 7.20 -8.62
CA LEU A 44 -2.53 6.92 -7.32
C LEU A 44 -3.49 7.97 -6.79
N VAL A 45 -3.12 9.24 -6.83
CA VAL A 45 -4.04 10.25 -6.34
C VAL A 45 -5.20 10.33 -7.30
N GLY A 46 -4.91 10.32 -8.60
CA GLY A 46 -5.97 10.37 -9.58
C GLY A 46 -7.08 9.37 -9.24
N LEU A 47 -6.68 8.14 -8.93
CA LEU A 47 -7.61 7.07 -8.59
C LEU A 47 -8.32 7.18 -7.23
N TYR A 48 -7.64 7.61 -6.19
CA TYR A 48 -8.33 7.63 -4.93
C TYR A 48 -8.70 8.92 -4.28
N TRP A 49 -8.29 10.03 -4.87
CA TRP A 49 -8.62 11.35 -4.33
C TRP A 49 -10.04 11.25 -3.78
N PRO A 50 -10.31 11.92 -2.67
CA PRO A 50 -9.35 12.76 -1.97
C PRO A 50 -8.66 11.94 -0.90
N LEU A 51 -8.94 10.63 -0.84
CA LEU A 51 -8.30 9.81 0.19
C LEU A 51 -6.80 10.09 0.18
N ARG A 52 -6.15 9.89 1.32
CA ARG A 52 -4.72 10.15 1.47
C ARG A 52 -3.87 9.13 0.75
N ILE A 53 -2.76 9.60 0.19
CA ILE A 53 -1.82 8.76 -0.54
C ILE A 53 -0.39 9.08 -0.13
N LYS A 54 0.37 8.06 0.27
CA LYS A 54 1.75 8.26 0.75
C LYS A 54 1.66 9.33 1.83
N ASP A 55 2.15 10.52 1.52
CA ASP A 55 2.11 11.61 2.47
C ASP A 55 2.02 12.92 1.70
N ILE A 56 1.33 12.88 0.56
CA ILE A 56 1.15 14.01 -0.35
C ILE A 56 0.18 15.09 0.10
N LYS A 57 0.70 16.29 0.36
CA LYS A 57 -0.13 17.41 0.82
C LYS A 57 -1.25 17.67 -0.19
N LYS A 58 -2.50 17.73 0.28
CA LYS A 58 -3.64 17.97 -0.59
C LYS A 58 -3.41 19.18 -1.52
N ASP A 59 -2.83 20.25 -0.94
CA ASP A 59 -2.51 21.48 -1.65
C ASP A 59 -1.63 21.21 -2.87
N GLU A 60 -0.82 20.16 -2.81
CA GLU A 60 0.06 19.86 -3.92
C GLU A 60 -0.65 19.98 -5.24
N PHE A 61 -1.95 19.75 -5.23
CA PHE A 61 -2.74 19.84 -6.45
C PHE A 61 -3.52 21.16 -6.39
N THR A 62 -4.47 21.21 -5.47
CA THR A 62 -5.31 22.38 -5.26
C THR A 62 -4.74 23.76 -5.59
N LYS A 63 -3.75 24.21 -4.83
CA LYS A 63 -3.24 25.56 -5.07
C LYS A 63 -1.93 25.83 -5.82
N VAL A 64 -0.98 24.91 -5.83
CA VAL A 64 0.26 25.25 -6.50
C VAL A 64 0.17 25.46 -8.00
N GLY A 65 0.42 26.68 -8.45
CA GLY A 65 0.39 26.93 -9.88
C GLY A 65 -0.45 28.09 -10.38
N ALA A 66 -0.07 28.59 -11.56
CA ALA A 66 -0.77 29.69 -12.19
C ALA A 66 -1.86 29.14 -13.08
N ARG A 67 -1.61 28.00 -13.72
CA ARG A 67 -2.60 27.36 -14.61
C ARG A 67 -3.32 26.23 -13.86
N ASP A 68 -3.97 25.33 -14.61
CA ASP A 68 -4.70 24.23 -14.01
C ASP A 68 -3.85 22.99 -13.74
N THR A 69 -4.16 22.28 -12.68
CA THR A 69 -3.46 21.03 -12.42
C THR A 69 -4.43 20.05 -13.04
N TYR A 70 -3.93 19.03 -13.71
CA TYR A 70 -4.86 18.13 -14.35
C TYR A 70 -4.40 16.68 -14.29
N ILE A 71 -5.32 15.75 -14.01
CA ILE A 71 -4.97 14.34 -13.93
C ILE A 71 -5.97 13.51 -14.70
N ASP A 72 -5.58 12.95 -15.83
CA ASP A 72 -6.49 12.14 -16.61
C ASP A 72 -6.00 10.71 -16.58
N LEU A 73 -6.84 9.79 -16.17
CA LEU A 73 -6.43 8.40 -16.09
C LEU A 73 -7.47 7.54 -16.78
N ILE A 74 -7.01 6.56 -17.54
CA ILE A 74 -7.89 5.65 -18.26
C ILE A 74 -7.45 4.22 -17.93
N PHE A 75 -8.36 3.37 -17.51
CA PHE A 75 -7.98 2.03 -17.17
C PHE A 75 -9.12 1.08 -17.46
N GLU A 76 -8.89 -0.20 -17.18
CA GLU A 76 -9.86 -1.23 -17.45
C GLU A 76 -9.96 -2.28 -16.34
N LYS A 77 -11.18 -2.54 -15.87
CA LYS A 77 -11.39 -3.58 -14.86
C LYS A 77 -12.57 -4.46 -15.18
N ASP A 78 -12.30 -5.76 -15.30
CA ASP A 78 -13.33 -6.73 -15.61
C ASP A 78 -14.01 -6.34 -16.92
N GLY A 79 -13.21 -6.37 -17.97
CA GLY A 79 -13.69 -6.06 -19.31
C GLY A 79 -14.14 -4.63 -19.52
N THR A 80 -14.51 -3.93 -18.45
CA THR A 80 -14.96 -2.55 -18.59
C THR A 80 -13.80 -1.56 -18.58
N LYS A 81 -13.95 -0.48 -19.33
CA LYS A 81 -12.91 0.54 -19.42
C LYS A 81 -13.40 1.84 -18.79
N TYR A 82 -12.82 2.22 -17.66
CA TYR A 82 -13.26 3.44 -17.00
C TYR A 82 -12.23 4.55 -17.16
N ARG A 83 -12.67 5.78 -16.93
CA ARG A 83 -11.81 6.93 -17.08
C ARG A 83 -12.09 8.07 -16.10
N ILE A 84 -11.07 8.49 -15.35
CA ILE A 84 -11.24 9.58 -14.39
C ILE A 84 -10.62 10.88 -14.91
N THR A 85 -11.11 12.01 -14.43
CA THR A 85 -10.58 13.30 -14.87
C THR A 85 -10.59 14.24 -13.70
N ARG A 86 -9.44 14.51 -13.13
CA ARG A 86 -9.41 15.40 -11.99
C ARG A 86 -8.77 16.73 -12.38
N ARG A 87 -9.56 17.79 -12.42
CA ARG A 87 -9.05 19.12 -12.78
C ARG A 87 -9.11 20.05 -11.58
N PHE A 88 -8.16 20.96 -11.48
CA PHE A 88 -8.16 21.90 -10.36
C PHE A 88 -7.82 23.28 -10.89
N LEU A 89 -8.81 24.16 -10.96
CA LEU A 89 -8.57 25.51 -11.45
C LEU A 89 -8.04 26.24 -10.24
N LYS A 90 -7.17 27.22 -10.45
CA LYS A 90 -6.60 27.94 -9.33
C LYS A 90 -6.83 29.43 -9.38
N GLY A 91 -6.55 30.08 -8.27
CA GLY A 91 -6.71 31.52 -8.22
C GLY A 91 -8.07 32.07 -7.86
N TYR A 92 -8.43 33.19 -8.47
CA TYR A 92 -9.71 33.79 -8.19
C TYR A 92 -10.77 32.73 -8.41
N SER A 93 -10.50 31.87 -9.39
CA SER A 93 -11.39 30.79 -9.75
C SER A 93 -11.46 29.73 -8.65
N SER A 94 -10.34 29.10 -8.30
CA SER A 94 -10.34 28.07 -7.25
C SER A 94 -11.48 27.12 -7.53
N GLY A 95 -11.22 26.05 -8.24
CA GLY A 95 -12.31 25.14 -8.51
C GLY A 95 -11.85 23.74 -8.82
N GLU A 96 -12.74 22.79 -8.60
CA GLU A 96 -12.47 21.40 -8.87
C GLU A 96 -13.57 20.96 -9.78
N ILE A 97 -13.27 19.97 -10.59
CA ILE A 97 -14.21 19.39 -11.51
C ILE A 97 -13.87 17.91 -11.48
N HIS A 98 -14.88 17.07 -11.26
CA HIS A 98 -14.63 15.65 -11.18
C HIS A 98 -15.60 14.87 -12.05
N ALA A 99 -15.13 13.77 -12.63
CA ALA A 99 -15.98 12.96 -13.47
C ALA A 99 -15.30 11.68 -13.88
N MET A 100 -16.03 10.59 -13.69
CA MET A 100 -15.55 9.26 -14.02
C MET A 100 -16.49 8.54 -14.99
N LYS A 101 -16.25 8.68 -16.29
CA LYS A 101 -17.08 8.04 -17.28
C LYS A 101 -16.64 6.61 -17.50
N ARG A 102 -17.57 5.78 -17.98
CA ARG A 102 -17.28 4.39 -18.28
C ARG A 102 -17.40 4.40 -19.79
N LEU A 103 -16.81 3.43 -20.47
CA LEU A 103 -16.94 3.43 -21.92
C LEU A 103 -17.89 2.39 -22.46
N VAL A 104 -19.06 2.85 -22.88
CA VAL A 104 -20.07 1.99 -23.46
C VAL A 104 -20.04 2.31 -24.95
N GLY A 105 -19.87 1.28 -25.77
CA GLY A 105 -19.84 1.49 -27.20
C GLY A 105 -18.64 2.33 -27.60
N ASN A 106 -18.86 3.60 -27.90
CA ASN A 106 -17.75 4.45 -28.29
C ASN A 106 -17.81 5.85 -27.66
N GLU A 107 -18.85 6.11 -26.88
CA GLU A 107 -18.99 7.39 -26.22
C GLU A 107 -18.74 7.14 -24.75
N TRP A 108 -18.26 8.14 -24.03
CA TRP A 108 -17.98 7.96 -22.62
C TRP A 108 -19.16 8.43 -21.79
N LYS A 109 -19.81 7.50 -21.09
CA LYS A 109 -20.94 7.90 -20.26
C LYS A 109 -20.50 7.95 -18.79
N HIS A 110 -21.07 8.88 -18.02
CA HIS A 110 -20.77 9.02 -16.60
C HIS A 110 -21.10 7.67 -15.94
N VAL A 111 -20.80 7.53 -14.66
CA VAL A 111 -21.11 6.28 -13.97
C VAL A 111 -21.41 6.63 -12.54
N THR A 112 -21.75 7.90 -12.33
CA THR A 112 -22.07 8.39 -11.01
C THR A 112 -22.06 9.90 -11.04
N GLU A 113 -22.87 10.50 -10.16
CA GLU A 113 -22.95 11.96 -10.07
C GLU A 113 -21.55 12.48 -10.29
N PRO A 114 -21.37 13.36 -11.28
CA PRO A 114 -20.05 13.91 -11.57
C PRO A 114 -19.47 14.76 -10.45
N SER A 115 -19.70 14.32 -9.21
CA SER A 115 -19.18 15.02 -8.05
C SER A 115 -17.96 14.25 -7.57
N SER A 116 -17.32 14.75 -6.52
CA SER A 116 -16.14 14.11 -5.96
C SER A 116 -16.55 13.07 -4.94
N LYS A 117 -17.54 13.39 -4.13
CA LYS A 117 -18.00 12.44 -3.15
C LYS A 117 -18.44 11.18 -3.92
N ALA A 118 -19.29 11.40 -4.92
CA ALA A 118 -19.84 10.34 -5.76
C ALA A 118 -18.81 9.38 -6.29
N ILE A 119 -17.96 9.89 -7.18
CA ILE A 119 -16.90 9.12 -7.79
C ILE A 119 -16.14 8.28 -6.77
N SER A 120 -15.75 8.93 -5.67
CA SER A 120 -15.01 8.24 -4.63
C SER A 120 -15.77 7.02 -4.22
N ALA A 121 -17.05 7.20 -3.94
CA ALA A 121 -17.89 6.06 -3.54
C ALA A 121 -17.79 5.02 -4.64
N PHE A 122 -18.22 5.40 -5.84
CA PHE A 122 -18.23 4.48 -6.97
C PHE A 122 -16.93 3.72 -7.09
N MET A 123 -15.86 4.33 -6.61
CA MET A 123 -14.56 3.69 -6.66
C MET A 123 -14.50 2.63 -5.57
N GLU A 124 -15.03 2.96 -4.40
CA GLU A 124 -14.99 2.01 -3.31
C GLU A 124 -15.75 0.76 -3.66
N LYS A 125 -16.39 0.78 -4.82
CA LYS A 125 -17.14 -0.38 -5.27
C LYS A 125 -16.29 -1.15 -6.30
N LEU A 126 -15.76 -0.43 -7.27
CA LEU A 126 -14.98 -1.01 -8.35
C LEU A 126 -13.61 -1.51 -7.98
N ILE A 127 -13.01 -0.95 -6.93
CA ILE A 127 -11.68 -1.38 -6.51
C ILE A 127 -11.31 -0.61 -5.26
N PRO A 128 -11.76 -1.10 -4.10
CA PRO A 128 -11.54 -0.52 -2.77
C PRO A 128 -10.17 0.05 -2.54
N TYR A 129 -10.16 1.21 -1.87
CA TYR A 129 -8.94 1.90 -1.53
C TYR A 129 -7.94 1.11 -0.70
N ASN A 130 -8.40 0.13 0.08
CA ASN A 130 -7.47 -0.62 0.90
C ASN A 130 -6.87 -1.81 0.23
N ILE A 131 -7.34 -2.11 -0.97
CA ILE A 131 -6.82 -3.25 -1.71
C ILE A 131 -5.83 -2.81 -2.77
N PHE A 132 -6.08 -1.67 -3.38
CA PHE A 132 -5.18 -1.17 -4.41
C PHE A 132 -3.90 -0.72 -3.72
N LEU A 133 -3.98 0.39 -3.00
CA LEU A 133 -2.82 0.94 -2.34
C LEU A 133 -2.00 -0.05 -1.54
N ASN A 134 -2.56 -1.20 -1.17
CA ASN A 134 -1.73 -2.12 -0.41
C ASN A 134 -1.75 -3.59 -0.73
N ALA A 135 -1.65 -3.88 -2.03
CA ALA A 135 -1.62 -5.24 -2.57
C ALA A 135 -1.13 -5.07 -3.97
N ILE A 136 -1.57 -3.97 -4.59
CA ILE A 136 -1.17 -3.67 -5.95
C ILE A 136 0.01 -2.72 -5.94
N TYR A 137 -0.02 -1.73 -5.08
CA TYR A 137 1.07 -0.78 -5.03
C TYR A 137 2.16 -1.17 -4.05
N ILE A 138 3.07 -2.05 -4.46
CA ILE A 138 4.14 -2.43 -3.55
C ILE A 138 5.00 -1.19 -3.44
N ARG A 139 4.83 -0.44 -2.36
CA ARG A 139 5.60 0.78 -2.21
C ARG A 139 7.06 0.47 -1.98
N GLN A 140 7.90 1.45 -2.27
CA GLN A 140 9.35 1.36 -2.14
C GLN A 140 9.87 0.93 -0.77
N GLY A 141 11.07 0.36 -0.78
CA GLY A 141 11.71 -0.07 0.44
C GLY A 141 10.88 -0.88 1.42
N GLN A 142 9.80 -1.50 0.95
CA GLN A 142 8.98 -2.33 1.84
C GLN A 142 9.60 -3.72 1.90
N ILE A 143 10.02 -4.21 0.73
CA ILE A 143 10.62 -5.52 0.62
C ILE A 143 11.73 -5.50 1.68
N ASP A 144 12.73 -4.69 1.41
CA ASP A 144 13.87 -4.53 2.29
C ASP A 144 13.46 -4.38 3.75
N ALA A 145 12.40 -3.63 4.00
CA ALA A 145 11.95 -3.44 5.38
C ALA A 145 11.59 -4.77 6.03
N ILE A 146 11.59 -5.84 5.24
CA ILE A 146 11.27 -7.19 5.73
C ILE A 146 12.56 -8.01 5.86
N LEU A 147 13.55 -7.59 5.08
CA LEU A 147 14.87 -8.21 5.03
C LEU A 147 15.79 -7.48 6.02
N GLU A 148 15.22 -6.95 7.10
CA GLU A 148 15.96 -6.22 8.13
C GLU A 148 15.16 -6.17 9.43
N SER A 149 15.68 -6.77 10.48
CA SER A 149 15.00 -6.79 11.79
C SER A 149 13.71 -7.60 11.80
N ASP A 150 12.94 -7.45 12.87
CA ASP A 150 11.71 -8.20 12.99
C ASP A 150 10.56 -7.28 13.32
N GLU A 151 10.84 -6.08 13.77
CA GLU A 151 9.72 -5.21 14.05
C GLU A 151 9.61 -4.27 12.89
N ALA A 152 10.63 -4.27 12.05
CA ALA A 152 10.57 -3.44 10.87
C ALA A 152 9.46 -4.10 10.10
N ARG A 153 9.32 -5.41 10.30
CA ARG A 153 8.28 -6.18 9.65
C ARG A 153 6.96 -5.95 10.35
N GLU A 154 6.89 -6.23 11.65
CA GLU A 154 5.63 -6.02 12.34
C GLU A 154 5.11 -4.67 11.84
N LYS A 155 6.05 -3.76 11.55
CA LYS A 155 5.69 -2.44 11.04
C LYS A 155 5.03 -2.59 9.67
N VAL A 156 5.80 -3.12 8.71
CA VAL A 156 5.30 -3.36 7.36
C VAL A 156 4.00 -4.14 7.44
N VAL A 157 4.08 -5.36 7.93
CA VAL A 157 2.90 -6.20 8.09
C VAL A 157 1.76 -5.38 8.69
N ARG A 158 2.01 -4.69 9.80
CA ARG A 158 0.94 -3.91 10.43
C ARG A 158 0.27 -2.96 9.46
N GLU A 159 1.05 -2.29 8.62
CA GLU A 159 0.50 -1.37 7.64
C GLU A 159 -0.21 -2.22 6.61
N VAL A 160 0.57 -2.78 5.71
CA VAL A 160 0.12 -3.63 4.61
C VAL A 160 -1.01 -4.63 4.87
N LEU A 161 -0.82 -5.51 5.84
CA LEU A 161 -1.83 -6.52 6.18
C LEU A 161 -3.01 -5.82 6.84
N ASN A 162 -2.92 -4.49 6.93
CA ASN A 162 -4.00 -3.69 7.47
C ASN A 162 -4.38 -3.96 8.94
N LEU A 163 -3.39 -4.08 9.82
CA LEU A 163 -3.70 -4.35 11.22
C LEU A 163 -3.67 -3.12 12.13
N ASP A 164 -3.48 -1.95 11.53
CA ASP A 164 -3.44 -0.70 12.30
C ASP A 164 -4.73 -0.54 13.11
N LYS A 165 -5.81 -0.27 12.39
CA LYS A 165 -7.13 -0.08 12.97
C LYS A 165 -7.31 -0.77 14.30
N PHE A 166 -7.48 -2.08 14.30
CA PHE A 166 -7.63 -2.83 15.54
C PHE A 166 -6.92 -2.19 16.73
N GLU A 167 -5.58 -2.25 16.70
CA GLU A 167 -4.74 -1.72 17.76
C GLU A 167 -5.23 -0.41 18.32
N THR A 168 -5.42 0.59 17.47
CA THR A 168 -5.90 1.89 17.97
C THR A 168 -7.30 1.79 18.58
N ALA A 169 -8.12 0.85 18.10
CA ALA A 169 -9.46 0.69 18.66
C ALA A 169 -9.22 0.36 20.12
N TYR A 170 -8.31 -0.58 20.35
CA TYR A 170 -7.92 -1.02 21.69
C TYR A 170 -7.22 0.10 22.46
N LYS A 171 -6.47 0.94 21.75
CA LYS A 171 -5.76 2.05 22.40
C LYS A 171 -6.71 3.08 22.96
N LYS A 172 -7.89 3.21 22.36
CA LYS A 172 -8.85 4.18 22.84
C LYS A 172 -9.74 3.61 23.95
N LEU A 173 -10.30 2.43 23.73
CA LEU A 173 -11.13 1.82 24.76
C LEU A 173 -10.26 1.72 26.00
N SER A 174 -8.97 1.44 25.80
CA SER A 174 -8.04 1.33 26.92
C SER A 174 -7.90 2.68 27.62
N GLU A 175 -7.76 3.74 26.84
CA GLU A 175 -7.63 5.09 27.39
C GLU A 175 -8.92 5.43 28.12
N LEU A 176 -10.03 4.85 27.65
CA LEU A 176 -11.35 5.10 28.23
C LEU A 176 -11.48 4.44 29.62
N LYS A 177 -10.78 3.33 29.81
CA LYS A 177 -10.82 2.62 31.07
C LYS A 177 -9.98 3.37 32.10
N LYS A 178 -8.79 3.80 31.67
CA LYS A 178 -7.88 4.55 32.52
C LYS A 178 -8.61 5.79 32.97
N THR A 179 -9.32 6.43 32.03
CA THR A 179 -10.05 7.63 32.36
C THR A 179 -11.18 7.32 33.32
N ILE A 180 -11.51 6.04 33.48
CA ILE A 180 -12.55 5.64 34.43
C ILE A 180 -11.87 5.50 35.79
N ASN A 181 -10.92 4.59 35.87
CA ASN A 181 -10.20 4.36 37.12
C ASN A 181 -9.81 5.66 37.82
N ASN A 182 -9.29 6.64 37.08
CA ASN A 182 -8.92 7.91 37.69
C ASN A 182 -10.15 8.46 38.41
N ARG A 183 -11.25 8.57 37.65
CA ARG A 183 -12.51 9.09 38.16
C ARG A 183 -12.89 8.39 39.43
N ILE A 184 -12.69 7.08 39.45
CA ILE A 184 -13.03 6.34 40.65
C ILE A 184 -12.15 6.92 41.74
N LYS A 185 -10.84 6.77 41.59
CA LYS A 185 -9.89 7.27 42.56
C LYS A 185 -10.29 8.63 43.05
N GLU A 186 -10.73 9.51 42.16
CA GLU A 186 -11.15 10.82 42.63
C GLU A 186 -12.34 10.67 43.56
N TYR A 187 -13.43 10.10 43.04
CA TYR A 187 -14.63 9.93 43.84
C TYR A 187 -14.39 9.20 45.14
N ARG A 188 -13.24 8.54 45.21
CA ARG A 188 -12.87 7.81 46.39
C ARG A 188 -12.34 8.83 47.42
N ASP A 189 -11.22 9.44 47.08
CA ASP A 189 -10.59 10.42 47.96
C ASP A 189 -11.50 11.54 48.41
N ILE A 190 -12.58 11.79 47.67
CA ILE A 190 -13.52 12.85 48.05
C ILE A 190 -14.42 12.33 49.15
N LEU A 191 -14.84 11.08 49.00
CA LEU A 191 -15.71 10.42 49.97
C LEU A 191 -14.92 10.18 51.26
N ALA A 192 -13.60 10.15 51.13
CA ALA A 192 -12.74 9.95 52.29
C ALA A 192 -12.79 11.23 53.12
N ARG A 193 -12.20 12.30 52.61
CA ARG A 193 -12.20 13.58 53.31
C ARG A 193 -13.60 13.90 53.82
N THR A 194 -14.55 13.91 52.91
CA THR A 194 -15.92 14.25 53.26
C THR A 194 -16.53 13.36 54.34
N GLU A 195 -16.72 12.08 54.04
CA GLU A 195 -17.33 11.17 55.01
C GLU A 195 -16.29 10.37 55.83
N ARG B 1 -21.76 11.30 51.75
CA ARG B 1 -22.51 11.93 50.68
C ARG B 1 -23.17 10.89 49.79
N GLU B 2 -24.49 10.95 49.73
CA GLU B 2 -25.29 10.03 48.94
C GLU B 2 -24.78 9.90 47.51
N ARG B 3 -25.11 10.92 46.72
CA ARG B 3 -24.73 11.01 45.33
C ARG B 3 -23.28 10.58 45.02
N VAL B 4 -22.32 11.03 45.81
CA VAL B 4 -20.92 10.65 45.58
C VAL B 4 -20.70 9.17 45.86
N LYS B 5 -21.61 8.55 46.59
CA LYS B 5 -21.43 7.13 46.88
C LYS B 5 -21.74 6.29 45.63
N LYS B 6 -22.86 6.59 45.00
CA LYS B 6 -23.31 5.85 43.83
C LYS B 6 -22.47 6.02 42.58
N GLU B 7 -22.03 7.25 42.31
CA GLU B 7 -21.22 7.47 41.13
C GLU B 7 -20.03 6.56 41.18
N ILE B 8 -19.70 6.09 42.38
CA ILE B 8 -18.58 5.18 42.54
C ILE B 8 -19.02 3.78 42.09
N LYS B 9 -20.26 3.41 42.39
CA LYS B 9 -20.71 2.10 41.95
C LYS B 9 -20.81 2.11 40.44
N ASP B 10 -21.58 3.06 39.92
CA ASP B 10 -21.74 3.17 38.48
C ASP B 10 -20.37 3.11 37.84
N LEU B 11 -19.46 3.89 38.37
CA LEU B 11 -18.15 3.90 37.81
C LEU B 11 -17.61 2.48 37.78
N GLU B 12 -17.74 1.78 38.91
CA GLU B 12 -17.25 0.42 39.05
C GLU B 12 -17.82 -0.58 38.04
N LYS B 13 -19.13 -0.56 37.82
CA LYS B 13 -19.72 -1.49 36.86
C LYS B 13 -19.12 -1.23 35.49
N ALA B 14 -19.19 0.03 35.07
CA ALA B 14 -18.67 0.44 33.77
C ALA B 14 -17.23 -0.03 33.60
N LYS B 15 -16.44 0.10 34.65
CA LYS B 15 -15.06 -0.35 34.59
C LYS B 15 -15.07 -1.82 34.17
N ASP B 16 -16.06 -2.57 34.66
CA ASP B 16 -16.15 -3.97 34.34
C ASP B 16 -16.36 -4.27 32.87
N PHE B 17 -17.23 -3.52 32.17
CA PHE B 17 -17.36 -3.81 30.75
C PHE B 17 -16.34 -3.10 29.88
N THR B 18 -15.94 -1.89 30.22
CA THR B 18 -14.91 -1.28 29.39
C THR B 18 -13.67 -2.15 29.50
N GLU B 19 -13.57 -2.92 30.58
CA GLU B 19 -12.40 -3.77 30.76
C GLU B 19 -12.54 -5.12 30.10
N GLU B 20 -13.73 -5.71 30.17
CA GLU B 20 -13.96 -7.00 29.54
C GLU B 20 -14.12 -6.88 28.04
N LEU B 21 -14.36 -5.66 27.56
CA LEU B 21 -14.51 -5.44 26.13
C LEU B 21 -13.10 -5.30 25.56
N ILE B 22 -12.23 -4.56 26.26
CA ILE B 22 -10.86 -4.41 25.81
C ILE B 22 -10.30 -5.81 25.55
N GLU B 23 -10.44 -6.69 26.54
CA GLU B 23 -9.94 -8.06 26.44
C GLU B 23 -10.29 -8.70 25.10
N LYS B 24 -11.56 -8.66 24.72
CA LYS B 24 -11.96 -9.23 23.45
C LYS B 24 -11.17 -8.58 22.30
N VAL B 25 -11.16 -7.26 22.26
CA VAL B 25 -10.41 -6.60 21.20
C VAL B 25 -9.03 -7.19 21.21
N LYS B 26 -8.51 -7.47 22.39
CA LYS B 26 -7.19 -8.04 22.47
C LYS B 26 -7.19 -9.44 21.89
N LYS B 27 -8.25 -10.19 22.13
CA LYS B 27 -8.34 -11.55 21.62
C LYS B 27 -8.37 -11.52 20.11
N TYR B 28 -9.42 -10.92 19.56
CA TYR B 28 -9.55 -10.84 18.12
C TYR B 28 -8.28 -10.34 17.46
N LYS B 29 -7.89 -9.11 17.74
CA LYS B 29 -6.66 -8.54 17.17
C LYS B 29 -5.66 -9.66 17.01
N ALA B 30 -5.46 -10.40 18.10
CA ALA B 30 -4.54 -11.51 18.07
C ALA B 30 -4.89 -12.39 16.89
N LEU B 31 -5.97 -13.15 17.04
CA LEU B 31 -6.42 -14.08 16.00
C LEU B 31 -6.33 -13.54 14.58
N ALA B 32 -6.93 -12.39 14.33
CA ALA B 32 -6.86 -11.78 13.03
C ALA B 32 -5.42 -11.95 12.54
N ARG B 33 -4.47 -11.52 13.35
CA ARG B 33 -3.08 -11.60 12.98
C ARG B 33 -2.51 -13.00 12.90
N GLU B 34 -2.90 -13.86 13.83
CA GLU B 34 -2.38 -15.22 13.82
C GLU B 34 -2.68 -15.82 12.46
N ALA B 35 -3.96 -16.03 12.17
CA ALA B 35 -4.36 -16.59 10.89
C ALA B 35 -3.68 -15.88 9.74
N ALA B 36 -3.99 -14.59 9.60
CA ALA B 36 -3.44 -13.79 8.53
C ALA B 36 -2.03 -14.17 8.20
N LEU B 37 -1.16 -14.27 9.20
CA LEU B 37 0.21 -14.61 8.91
C LEU B 37 0.35 -16.08 8.49
N SER B 38 -0.45 -16.97 9.07
CA SER B 38 -0.34 -18.37 8.68
C SER B 38 -0.55 -18.50 7.19
N LYS B 39 -1.72 -18.07 6.74
CA LYS B 39 -2.07 -18.15 5.34
C LYS B 39 -1.07 -17.37 4.48
N ILE B 40 -0.54 -16.26 4.99
CA ILE B 40 0.44 -15.50 4.23
C ILE B 40 1.65 -16.39 3.98
N GLY B 41 2.09 -17.11 5.01
CA GLY B 41 3.24 -17.99 4.86
C GLY B 41 3.01 -19.13 3.88
N GLU B 42 1.86 -19.81 4.01
CA GLU B 42 1.49 -20.93 3.14
C GLU B 42 1.73 -20.55 1.70
N LEU B 43 1.47 -19.28 1.41
CA LEU B 43 1.67 -18.71 0.10
C LEU B 43 3.14 -18.40 -0.09
N ALA B 44 3.67 -17.51 0.76
CA ALA B 44 5.08 -17.10 0.70
C ALA B 44 6.02 -18.29 0.49
N SER B 45 5.71 -19.41 1.12
CA SER B 45 6.50 -20.61 0.97
C SER B 45 6.48 -21.00 -0.50
N GLU B 46 5.29 -21.21 -1.05
CA GLU B 46 5.16 -21.60 -2.44
C GLU B 46 5.75 -20.58 -3.38
N ILE B 47 5.35 -19.32 -3.26
CA ILE B 47 5.90 -18.29 -4.15
C ILE B 47 7.42 -18.38 -4.08
N PHE B 48 7.96 -18.64 -2.88
CA PHE B 48 9.39 -18.76 -2.72
C PHE B 48 9.96 -20.03 -3.36
N ALA B 49 9.15 -21.08 -3.41
CA ALA B 49 9.54 -22.36 -3.98
C ALA B 49 9.94 -22.23 -5.46
N GLU B 50 9.15 -21.49 -6.21
CA GLU B 50 9.44 -21.29 -7.62
C GLU B 50 10.51 -20.23 -7.87
N PHE B 51 10.83 -19.47 -6.85
CA PHE B 51 11.84 -18.44 -6.98
C PHE B 51 13.23 -19.04 -6.82
N THR B 52 13.29 -20.22 -6.21
CA THR B 52 14.58 -20.85 -6.00
C THR B 52 14.69 -22.23 -6.64
N GLU B 53 13.60 -22.67 -7.25
CA GLU B 53 13.55 -23.97 -7.92
C GLU B 53 13.67 -25.11 -6.92
N GLY B 54 12.73 -25.15 -6.00
CA GLY B 54 12.71 -26.18 -4.99
C GLY B 54 13.82 -26.09 -3.95
N LYS B 55 14.89 -25.36 -4.25
CA LYS B 55 15.99 -25.27 -3.29
C LYS B 55 15.49 -25.06 -1.87
N TYR B 56 14.39 -24.34 -1.72
CA TYR B 56 13.83 -24.12 -0.39
C TYR B 56 12.35 -24.45 -0.33
N SER B 57 12.07 -25.55 0.35
CA SER B 57 10.73 -26.09 0.52
C SER B 57 9.68 -25.20 1.21
N GLU B 58 9.95 -24.76 2.44
CA GLU B 58 8.97 -23.96 3.18
C GLU B 58 9.52 -22.71 3.85
N VAL B 59 8.71 -21.66 3.89
CA VAL B 59 9.09 -20.42 4.54
C VAL B 59 8.26 -20.43 5.82
N VAL B 60 8.79 -19.91 6.92
CA VAL B 60 8.06 -19.90 8.20
C VAL B 60 7.91 -18.49 8.76
N VAL B 61 6.66 -18.08 8.93
CA VAL B 61 6.36 -16.74 9.46
C VAL B 61 5.59 -16.97 10.74
N ARG B 62 6.14 -16.52 11.87
CA ARG B 62 5.50 -16.66 13.18
C ARG B 62 5.52 -15.32 13.91
N ALA B 63 4.37 -14.96 14.49
CA ALA B 63 4.19 -13.69 15.19
C ALA B 63 4.41 -13.72 16.69
N GLU B 64 5.01 -12.65 17.20
CA GLU B 64 5.29 -12.47 18.61
C GLU B 64 5.04 -11.03 18.96
N GLU B 65 5.00 -10.74 20.25
CA GLU B 65 4.79 -9.37 20.70
C GLU B 65 5.67 -8.46 19.83
N ASN B 66 5.07 -7.41 19.28
CA ASN B 66 5.78 -6.45 18.43
C ASN B 66 6.92 -7.02 17.59
N LYS B 67 6.67 -8.12 16.87
CA LYS B 67 7.72 -8.74 16.04
C LYS B 67 7.26 -10.00 15.29
N VAL B 68 7.50 -10.02 13.98
CA VAL B 68 7.14 -11.16 13.14
C VAL B 68 8.42 -11.76 12.53
N ARG B 69 8.78 -12.98 12.93
CA ARG B 69 10.01 -13.60 12.43
C ARG B 69 9.83 -14.56 11.26
N LEU B 70 10.77 -14.50 10.32
CA LEU B 70 10.76 -15.37 9.14
C LEU B 70 11.87 -16.40 9.23
N PHE B 71 11.57 -17.65 8.89
CA PHE B 71 12.58 -18.71 8.91
C PHE B 71 12.44 -19.50 7.60
N VAL B 72 13.56 -19.96 7.05
CA VAL B 72 13.54 -20.76 5.83
C VAL B 72 13.97 -22.16 6.21
N VAL B 73 13.09 -23.14 6.04
CA VAL B 73 13.43 -24.51 6.40
C VAL B 73 14.42 -25.19 5.47
N TRP B 74 15.64 -25.40 5.96
CA TRP B 74 16.69 -26.05 5.18
C TRP B 74 17.15 -27.32 5.86
N GLU B 75 17.22 -28.39 5.08
CA GLU B 75 17.62 -29.69 5.59
C GLU B 75 16.86 -29.97 6.89
N GLY B 76 15.55 -29.68 6.87
CA GLY B 76 14.70 -29.90 8.03
C GLY B 76 14.88 -28.90 9.17
N LYS B 77 16.10 -28.43 9.35
CA LYS B 77 16.38 -27.48 10.41
C LYS B 77 15.89 -26.09 10.01
N GLU B 78 15.16 -25.42 10.91
CA GLU B 78 14.70 -24.06 10.65
C GLU B 78 15.98 -23.22 10.65
N ARG B 79 15.98 -22.11 9.94
CA ARG B 79 17.17 -21.29 9.88
C ARG B 79 16.92 -19.80 9.68
N PRO B 80 17.86 -18.95 10.14
CA PRO B 80 17.83 -17.49 10.05
C PRO B 80 18.02 -16.92 8.65
N LEU B 81 17.34 -15.80 8.39
CA LEU B 81 17.41 -15.11 7.11
C LEU B 81 18.85 -14.85 6.64
N THR B 82 19.76 -14.65 7.60
CA THR B 82 21.18 -14.39 7.31
C THR B 82 21.86 -15.65 6.77
N PHE B 83 21.14 -16.77 6.83
CA PHE B 83 21.62 -18.05 6.34
C PHE B 83 21.52 -18.10 4.82
N LEU B 84 20.72 -17.20 4.25
CA LEU B 84 20.51 -17.15 2.80
C LEU B 84 21.49 -16.28 2.03
N SER B 85 21.59 -16.56 0.74
CA SER B 85 22.49 -15.83 -0.14
C SER B 85 21.84 -14.50 -0.51
N GLY B 86 22.68 -13.49 -0.73
CA GLY B 86 22.17 -12.17 -1.09
C GLY B 86 20.94 -12.21 -1.97
N GLY B 87 20.98 -13.05 -3.00
CA GLY B 87 19.85 -13.17 -3.90
C GLY B 87 18.69 -13.81 -3.16
N GLU B 88 18.91 -15.04 -2.68
CA GLU B 88 17.88 -15.77 -1.96
C GLU B 88 17.21 -14.83 -0.99
N ARG B 89 17.94 -13.82 -0.55
CA ARG B 89 17.39 -12.84 0.37
C ARG B 89 16.35 -11.95 -0.31
N ILE B 90 16.76 -11.18 -1.32
CA ILE B 90 15.80 -10.30 -2.01
C ILE B 90 14.65 -11.20 -2.46
N ALA B 91 14.98 -12.45 -2.79
CA ALA B 91 13.98 -13.42 -3.20
C ALA B 91 12.94 -13.53 -2.08
N LEU B 92 13.31 -14.19 -0.98
CA LEU B 92 12.41 -14.36 0.16
C LEU B 92 11.68 -13.07 0.48
N GLY B 93 12.43 -11.97 0.52
CA GLY B 93 11.81 -10.70 0.82
C GLY B 93 10.62 -10.50 -0.09
N LEU B 94 10.87 -10.54 -1.39
CA LEU B 94 9.84 -10.36 -2.40
C LEU B 94 8.76 -11.43 -2.21
N ALA B 95 9.17 -12.68 -2.32
CA ALA B 95 8.27 -13.80 -2.14
C ALA B 95 7.29 -13.53 -0.99
N PHE B 96 7.80 -12.95 0.08
CA PHE B 96 6.97 -12.64 1.21
C PHE B 96 5.97 -11.56 0.84
N ARG B 97 6.49 -10.41 0.43
CA ARG B 97 5.65 -9.28 0.06
C ARG B 97 4.51 -9.65 -0.86
N LEU B 98 4.82 -10.34 -1.96
CA LEU B 98 3.78 -10.72 -2.90
C LEU B 98 2.78 -11.58 -2.14
N ALA B 99 3.29 -12.55 -1.39
CA ALA B 99 2.45 -13.45 -0.61
C ALA B 99 1.35 -12.67 0.09
N MET B 100 1.72 -11.51 0.64
CA MET B 100 0.74 -10.70 1.33
C MET B 100 -0.28 -10.22 0.34
N SER B 101 0.20 -9.56 -0.72
CA SER B 101 -0.66 -9.00 -1.76
C SER B 101 -1.65 -10.06 -2.21
N LEU B 102 -1.12 -11.25 -2.49
CA LEU B 102 -1.93 -12.36 -2.91
C LEU B 102 -2.96 -12.69 -1.83
N TYR B 103 -2.58 -12.63 -0.56
CA TYR B 103 -3.53 -12.88 0.53
C TYR B 103 -4.62 -11.80 0.53
N LEU B 104 -4.19 -10.56 0.64
CA LEU B 104 -5.08 -9.40 0.70
C LEU B 104 -5.99 -9.23 -0.54
N ALA B 105 -5.54 -9.71 -1.70
CA ALA B 105 -6.34 -9.56 -2.91
C ALA B 105 -6.86 -10.89 -3.40
N GLY B 106 -6.06 -11.92 -3.23
CA GLY B 106 -6.44 -13.25 -3.66
C GLY B 106 -5.91 -13.55 -5.04
N GLU B 107 -5.85 -12.49 -5.83
CA GLU B 107 -5.41 -12.60 -7.20
C GLU B 107 -4.51 -11.43 -7.44
N ILE B 108 -3.55 -11.62 -8.34
CA ILE B 108 -2.62 -10.56 -8.67
C ILE B 108 -2.68 -10.33 -10.15
N SER B 109 -3.49 -9.38 -10.55
CA SER B 109 -3.61 -9.07 -11.96
C SER B 109 -2.72 -7.86 -12.24
N LEU B 110 -2.78 -6.84 -11.40
CA LEU B 110 -1.93 -5.68 -11.59
C LEU B 110 -0.91 -5.65 -10.47
N LEU B 111 0.22 -5.01 -10.71
CA LEU B 111 1.25 -4.94 -9.69
C LEU B 111 2.22 -3.80 -9.93
N ILE B 112 2.15 -2.76 -9.10
CA ILE B 112 3.05 -1.62 -9.23
C ILE B 112 4.20 -1.74 -8.24
N LEU B 113 5.41 -1.88 -8.77
CA LEU B 113 6.64 -2.01 -7.99
C LEU B 113 7.45 -0.71 -8.05
N ASP B 114 7.43 0.05 -6.96
CA ASP B 114 8.16 1.32 -6.93
C ASP B 114 9.60 1.12 -6.48
N GLU B 115 10.44 0.78 -7.45
CA GLU B 115 11.87 0.61 -7.24
C GLU B 115 12.26 -0.29 -6.10
N PRO B 116 12.59 -1.56 -6.39
CA PRO B 116 13.02 -2.53 -5.36
C PRO B 116 14.55 -2.67 -5.26
N THR B 117 15.23 -2.49 -6.39
CA THR B 117 16.69 -2.60 -6.47
C THR B 117 17.48 -1.46 -5.79
N PRO B 118 18.44 -1.83 -4.92
CA PRO B 118 19.30 -0.90 -4.18
C PRO B 118 20.52 -0.36 -4.93
N TYR B 119 20.31 0.72 -5.66
CA TYR B 119 21.40 1.37 -6.39
C TYR B 119 22.17 0.41 -7.30
N LEU B 120 21.51 -0.05 -8.34
CA LEU B 120 22.11 -0.95 -9.32
C LEU B 120 23.11 -1.98 -8.80
N ASP B 121 22.63 -2.92 -7.98
CA ASP B 121 23.51 -3.99 -7.45
C ASP B 121 23.66 -5.00 -8.59
N GLU B 122 24.50 -6.01 -8.40
CA GLU B 122 24.68 -7.02 -9.46
C GLU B 122 24.17 -8.37 -8.93
N GLU B 123 24.51 -8.68 -7.69
CA GLU B 123 24.08 -9.91 -7.05
C GLU B 123 22.55 -9.95 -7.05
N ARG B 124 21.95 -8.91 -6.47
CA ARG B 124 20.49 -8.82 -6.40
C ARG B 124 19.92 -8.62 -7.80
N ARG B 125 20.37 -7.56 -8.47
CA ARG B 125 19.94 -7.25 -9.82
C ARG B 125 19.79 -8.53 -10.62
N ARG B 126 20.79 -9.40 -10.54
CA ARG B 126 20.70 -10.64 -11.30
C ARG B 126 19.43 -11.39 -10.92
N LYS B 127 19.38 -11.88 -9.69
CA LYS B 127 18.22 -12.62 -9.22
C LYS B 127 16.91 -11.95 -9.65
N LEU B 128 16.84 -10.62 -9.62
CA LEU B 128 15.61 -9.93 -10.03
C LEU B 128 15.37 -10.16 -11.53
N ILE B 129 16.41 -9.94 -12.33
CA ILE B 129 16.29 -10.15 -13.76
C ILE B 129 15.82 -11.59 -14.00
N THR B 130 16.12 -12.48 -13.06
CA THR B 130 15.70 -13.87 -13.17
C THR B 130 14.22 -13.91 -12.77
N ILE B 131 13.96 -13.57 -11.49
CA ILE B 131 12.60 -13.58 -10.94
C ILE B 131 11.68 -12.87 -11.91
N MET B 132 12.24 -11.89 -12.60
CA MET B 132 11.51 -11.12 -13.56
C MET B 132 10.99 -11.95 -14.75
N GLU B 133 11.92 -12.63 -15.42
CA GLU B 133 11.58 -13.41 -16.60
C GLU B 133 10.96 -14.79 -16.40
N ARG B 134 11.26 -15.42 -15.27
CA ARG B 134 10.71 -16.75 -15.04
C ARG B 134 9.46 -16.77 -14.18
N TYR B 135 9.05 -15.62 -13.67
CA TYR B 135 7.87 -15.62 -12.83
C TYR B 135 6.98 -14.42 -13.02
N LEU B 136 7.55 -13.22 -12.89
CA LEU B 136 6.80 -11.97 -13.00
C LEU B 136 6.18 -11.62 -14.36
N LYS B 137 6.84 -11.99 -15.44
CA LYS B 137 6.27 -11.69 -16.74
C LYS B 137 4.93 -12.40 -16.80
N LYS B 138 4.80 -13.42 -15.97
CA LYS B 138 3.58 -14.17 -15.89
C LYS B 138 2.38 -13.27 -15.64
N ILE B 139 2.55 -12.27 -14.78
CA ILE B 139 1.47 -11.34 -14.44
C ILE B 139 1.01 -10.49 -15.62
N PRO B 140 -0.31 -10.23 -15.74
CA PRO B 140 -0.94 -9.44 -16.80
C PRO B 140 -0.21 -8.14 -17.04
N GLN B 141 -0.05 -7.37 -15.99
CA GLN B 141 0.61 -6.08 -16.11
C GLN B 141 1.39 -5.65 -14.88
N VAL B 142 2.70 -5.47 -15.03
CA VAL B 142 3.54 -5.03 -13.94
C VAL B 142 4.23 -3.74 -14.34
N ILE B 143 4.14 -2.74 -13.48
CA ILE B 143 4.75 -1.45 -13.74
C ILE B 143 5.96 -1.31 -12.82
N LEU B 144 7.13 -1.68 -13.33
CA LEU B 144 8.35 -1.60 -12.53
C LEU B 144 8.95 -0.21 -12.68
N VAL B 145 9.33 0.40 -11.57
CA VAL B 145 9.94 1.71 -11.64
C VAL B 145 11.33 1.68 -11.02
N SER B 146 12.37 1.69 -11.86
CA SER B 146 13.74 1.67 -11.37
C SER B 146 14.74 2.49 -12.19
N HIS B 147 15.85 2.86 -11.56
CA HIS B 147 16.88 3.67 -12.21
C HIS B 147 18.11 2.81 -12.54
N ASP B 148 17.90 1.52 -12.75
CA ASP B 148 19.00 0.61 -13.07
C ASP B 148 18.88 0.15 -14.53
N GLU B 149 19.35 0.98 -15.45
CA GLU B 149 19.31 0.68 -16.87
C GLU B 149 19.30 -0.81 -17.13
N GLU B 150 20.15 -1.53 -16.41
CA GLU B 150 20.25 -2.97 -16.57
C GLU B 150 18.91 -3.62 -16.87
N LEU B 151 17.96 -3.50 -15.94
CA LEU B 151 16.65 -4.09 -16.08
C LEU B 151 16.00 -3.87 -17.45
N LYS B 152 16.42 -2.82 -18.17
CA LYS B 152 15.86 -2.48 -19.48
C LYS B 152 15.65 -3.61 -20.50
N ASP B 153 16.38 -4.71 -20.38
CA ASP B 153 16.19 -5.76 -21.37
C ASP B 153 15.36 -6.98 -20.98
N ALA B 154 14.81 -6.96 -19.77
CA ALA B 154 13.97 -8.07 -19.32
C ALA B 154 12.52 -7.61 -19.38
N ALA B 155 12.30 -6.31 -19.17
CA ALA B 155 10.97 -5.71 -19.22
C ALA B 155 10.46 -5.63 -20.65
N ASP B 156 9.17 -5.85 -20.84
CA ASP B 156 8.55 -5.82 -22.16
C ASP B 156 8.58 -4.42 -22.77
N HIS B 157 8.18 -3.43 -21.99
CA HIS B 157 8.13 -2.07 -22.48
C HIS B 157 8.88 -1.08 -21.61
N VAL B 158 9.95 -0.56 -22.20
CA VAL B 158 10.80 0.43 -21.56
C VAL B 158 10.26 1.80 -21.96
N ILE B 159 9.97 2.61 -20.96
CA ILE B 159 9.47 3.95 -21.21
C ILE B 159 10.30 4.84 -20.31
N ARG B 160 11.30 5.46 -20.91
CA ARG B 160 12.24 6.32 -20.22
C ARG B 160 11.76 7.73 -20.08
N ILE B 161 11.82 8.22 -18.85
CA ILE B 161 11.42 9.58 -18.55
C ILE B 161 12.74 10.22 -18.15
N SER B 162 12.76 11.55 -18.13
CA SER B 162 13.99 12.29 -17.79
C SER B 162 13.62 13.74 -17.56
N LEU B 163 14.19 14.33 -16.52
CA LEU B 163 13.93 15.73 -16.20
C LEU B 163 14.72 16.60 -17.17
N GLU B 164 14.09 17.00 -18.28
CA GLU B 164 14.75 17.82 -19.28
C GLU B 164 14.22 19.24 -19.22
N ASN B 165 15.03 20.16 -18.69
CA ASN B 165 14.61 21.56 -18.59
C ASN B 165 13.34 21.72 -17.77
N GLY B 166 13.47 21.53 -16.46
CA GLY B 166 12.32 21.66 -15.57
C GLY B 166 11.23 20.62 -15.74
N SER B 167 10.53 20.65 -16.87
CA SER B 167 9.46 19.70 -17.11
C SER B 167 10.00 18.31 -17.41
N SER B 168 9.24 17.29 -17.03
CA SER B 168 9.65 15.92 -17.26
C SER B 168 9.21 15.51 -18.64
N LYS B 169 10.02 14.70 -19.31
CA LYS B 169 9.69 14.21 -20.65
C LYS B 169 9.63 12.66 -20.72
N VAL B 170 8.65 12.15 -21.45
CA VAL B 170 8.50 10.70 -21.61
C VAL B 170 8.91 10.27 -23.02
N GLU B 171 9.96 9.45 -23.08
CA GLU B 171 10.51 8.92 -24.33
C GLU B 171 10.27 7.43 -24.34
N VAL B 172 9.47 6.96 -25.28
CA VAL B 172 9.18 5.53 -25.36
C VAL B 172 10.39 4.83 -25.95
N VAL B 173 10.43 3.50 -25.86
CA VAL B 173 11.55 2.72 -26.39
C VAL B 173 11.07 1.41 -27.01
N SER B 174 10.01 0.84 -26.44
CA SER B 174 9.44 -0.41 -26.92
C SER B 174 8.09 -0.69 -26.26
#